data_3QLS
#
_entry.id   3QLS
#
_cell.length_a   37.897
_cell.length_b   66.475
_cell.length_c   75.538
_cell.angle_alpha   90.000
_cell.angle_beta   93.180
_cell.angle_gamma   90.000
#
_symmetry.space_group_name_H-M   'P 1 21 1'
#
loop_
_entity.id
_entity.type
_entity.pdbx_description
1 polymer 'Putative uncharacterized protein CaJ7.0360'
2 non-polymer 'NADPH DIHYDRO-NICOTINAMIDE-ADENINE-DINUCLEOTIDE PHOSPHATE'
3 non-polymer 6-methyl-5-[3-methyl-3-(3,4,5-trimethoxyphenyl)but-1-yn-1-yl]pyrimidine-2,4-diamine
4 non-polymer GLYCINE
5 non-polymer GLYCEROL
6 water water
#
_entity_poly.entity_id   1
_entity_poly.type   'polypeptide(L)'
_entity_poly.pdbx_seq_one_letter_code
;MLKPNVAIIVAALKPALGIGYKGKMPWRLRKEIRYFKDVTTRTTKPNTRNAVIMGRKTWESIPQKFRPLPDRLNIILSRS
YENEIIDDNIIHASSIESSLNLVSDVERVFIIGGAEIYNELINNSLVSHLLITEIEHPSPESIEMDTFLKFPLESWTKQP
KSELQKFVGDTVLEDDIKEGDFTYNYTLWTRK
;
_entity_poly.pdbx_strand_id   A,B
#
# COMPACT_ATOMS: atom_id res chain seq x y z
N MET A 1 4.65 -13.44 -9.91
CA MET A 1 4.43 -12.05 -9.41
C MET A 1 3.83 -12.10 -8.01
N LEU A 2 4.56 -11.57 -7.04
CA LEU A 2 4.15 -11.62 -5.63
C LEU A 2 3.58 -10.29 -5.15
N LYS A 3 2.40 -10.35 -4.52
CA LYS A 3 1.74 -9.16 -3.97
C LYS A 3 1.81 -7.94 -4.91
N PRO A 4 1.27 -8.08 -6.13
CA PRO A 4 1.23 -6.94 -7.05
C PRO A 4 0.35 -5.83 -6.49
N ASN A 5 0.72 -4.58 -6.76
CA ASN A 5 -0.19 -3.46 -6.57
C ASN A 5 -1.19 -3.45 -7.72
N VAL A 6 -2.47 -3.36 -7.37
CA VAL A 6 -3.54 -3.56 -8.34
C VAL A 6 -4.40 -2.30 -8.45
N ALA A 7 -4.84 -1.99 -9.67
CA ALA A 7 -5.71 -0.84 -9.90
C ALA A 7 -7.07 -1.29 -10.43
N ILE A 8 -8.13 -0.76 -9.83
CA ILE A 8 -9.46 -0.91 -10.40
C ILE A 8 -9.66 0.20 -11.45
N ILE A 9 -10.13 -0.19 -12.63
CA ILE A 9 -10.51 0.79 -13.66
C ILE A 9 -11.95 0.56 -14.09
N VAL A 10 -12.75 1.63 -14.04
CA VAL A 10 -14.19 1.53 -14.23
C VAL A 10 -14.75 2.91 -14.65
N ALA A 11 -15.85 2.88 -15.40
CA ALA A 11 -16.65 4.09 -15.67
C ALA A 11 -18.04 3.93 -15.06
N ALA A 12 -18.44 4.92 -14.26
CA ALA A 12 -19.66 4.83 -13.49
C ALA A 12 -20.44 6.14 -13.50
N LEU A 13 -21.77 6.02 -13.49
CA LEU A 13 -22.66 7.18 -13.54
C LEU A 13 -23.04 7.63 -12.14
N LYS A 14 -22.70 8.88 -11.83
CA LYS A 14 -23.02 9.47 -10.54
C LYS A 14 -24.52 9.85 -10.44
N PRO A 15 -25.07 9.91 -9.21
CA PRO A 15 -24.39 9.63 -7.93
C PRO A 15 -24.44 8.17 -7.48
N ALA A 16 -25.23 7.33 -8.15
CA ALA A 16 -25.46 5.95 -7.69
C ALA A 16 -24.31 5.00 -8.04
N LEU A 17 -23.42 5.46 -8.93
CA LEU A 17 -22.34 4.63 -9.48
C LEU A 17 -22.83 3.39 -10.20
N GLY A 18 -23.88 3.56 -11.01
CA GLY A 18 -24.33 2.50 -11.92
C GLY A 18 -23.30 2.25 -13.00
N ILE A 19 -23.15 0.99 -13.40
CA ILE A 19 -22.14 0.62 -14.39
C ILE A 19 -22.66 -0.30 -15.50
N GLY A 20 -23.88 -0.83 -15.33
CA GLY A 20 -24.41 -1.78 -16.31
C GLY A 20 -25.90 -1.99 -16.30
N TYR A 21 -26.41 -2.60 -17.35
CA TYR A 21 -27.82 -2.99 -17.43
C TYR A 21 -27.98 -4.25 -18.27
N LYS A 22 -28.55 -5.28 -17.66
CA LYS A 22 -28.83 -6.55 -18.35
C LYS A 22 -27.59 -7.14 -19.03
N GLY A 23 -26.44 -7.02 -18.36
CA GLY A 23 -25.21 -7.66 -18.82
C GLY A 23 -24.42 -6.84 -19.83
N LYS A 24 -24.89 -5.62 -20.11
CA LYS A 24 -24.22 -4.73 -21.04
C LYS A 24 -23.99 -3.33 -20.46
N MET A 25 -23.30 -2.49 -21.23
CA MET A 25 -22.97 -1.12 -20.82
CA MET A 25 -23.01 -1.13 -20.81
C MET A 25 -24.08 -0.16 -21.29
N PRO A 26 -24.51 0.78 -20.39
CA PRO A 26 -25.62 1.68 -20.70
C PRO A 26 -25.26 2.88 -21.58
N TRP A 27 -24.00 2.95 -22.02
CA TRP A 27 -23.52 4.06 -22.85
C TRP A 27 -22.45 3.55 -23.79
N ARG A 28 -22.22 4.31 -24.86
CA ARG A 28 -21.02 4.10 -25.64
C ARG A 28 -20.28 5.42 -25.76
N LEU A 29 -19.25 5.57 -24.95
CA LEU A 29 -18.47 6.79 -24.89
C LEU A 29 -17.13 6.52 -25.55
N ARG A 30 -16.97 7.00 -26.78
CA ARG A 30 -15.88 6.57 -27.63
C ARG A 30 -14.52 6.99 -27.10
N LYS A 31 -14.43 8.21 -26.57
CA LYS A 31 -13.18 8.71 -26.00
C LYS A 31 -12.81 7.96 -24.73
N GLU A 32 -13.82 7.62 -23.93
CA GLU A 32 -13.63 6.86 -22.69
C GLU A 32 -13.07 5.47 -22.99
N ILE A 33 -13.65 4.81 -23.99
CA ILE A 33 -13.18 3.52 -24.46
C ILE A 33 -11.69 3.59 -24.89
N ARG A 34 -11.33 4.64 -25.61
CA ARG A 34 -9.93 4.83 -26.04
C ARG A 34 -9.02 5.07 -24.85
N TYR A 35 -9.50 5.84 -23.87
CA TYR A 35 -8.79 6.05 -22.60
C TYR A 35 -8.51 4.71 -21.91
N PHE A 36 -9.56 3.89 -21.80
CA PHE A 36 -9.43 2.55 -21.22
C PHE A 36 -8.35 1.75 -21.93
N LYS A 37 -8.37 1.75 -23.25
CA LYS A 37 -7.37 1.04 -24.05
C LYS A 37 -5.97 1.57 -23.76
N ASP A 38 -5.81 2.88 -23.83
CA ASP A 38 -4.49 3.49 -23.70
C ASP A 38 -3.87 3.26 -22.32
N VAL A 39 -4.68 3.45 -21.28
CA VAL A 39 -4.22 3.31 -19.89
C VAL A 39 -3.90 1.85 -19.52
N THR A 40 -4.76 0.92 -19.92
CA THR A 40 -4.50 -0.49 -19.63
C THR A 40 -3.33 -1.07 -20.46
N THR A 41 -3.05 -0.46 -21.61
CA THR A 41 -2.03 -0.99 -22.52
C THR A 41 -0.62 -0.45 -22.24
N ARG A 42 -0.51 0.85 -22.00
CA ARG A 42 0.81 1.47 -21.95
CA ARG A 42 0.79 1.55 -21.90
C ARG A 42 1.65 1.05 -20.73
N THR A 43 2.94 0.88 -20.99
CA THR A 43 3.90 0.48 -19.97
C THR A 43 5.00 1.53 -19.90
N THR A 44 5.71 1.60 -18.78
CA THR A 44 6.76 2.60 -18.59
C THR A 44 8.16 2.03 -18.79
N LYS A 45 8.29 0.72 -18.57
CA LYS A 45 9.57 0.03 -18.76
C LYS A 45 9.54 -0.82 -20.02
N PRO A 46 10.67 -0.87 -20.76
CA PRO A 46 10.76 -1.61 -22.02
C PRO A 46 10.49 -3.10 -21.84
N ASN A 47 9.97 -3.73 -22.89
CA ASN A 47 9.78 -5.17 -22.95
C ASN A 47 8.97 -5.73 -21.77
N THR A 48 7.89 -5.03 -21.42
CA THR A 48 6.90 -5.52 -20.46
C THR A 48 5.49 -5.36 -21.02
N ARG A 49 4.51 -5.89 -20.30
CA ARG A 49 3.10 -5.65 -20.60
C ARG A 49 2.30 -5.55 -19.30
N ASN A 50 1.06 -5.08 -19.41
CA ASN A 50 0.14 -5.10 -18.28
C ASN A 50 -0.81 -6.28 -18.32
N ALA A 51 -1.36 -6.63 -17.16
CA ALA A 51 -2.43 -7.62 -17.07
C ALA A 51 -3.78 -6.95 -16.83
N VAL A 52 -4.82 -7.50 -17.46
CA VAL A 52 -6.18 -7.10 -17.17
C VAL A 52 -6.97 -8.30 -16.65
N ILE A 53 -7.61 -8.11 -15.50
CA ILE A 53 -8.32 -9.19 -14.82
C ILE A 53 -9.82 -8.89 -14.79
N MET A 54 -10.63 -9.91 -15.06
CA MET A 54 -12.08 -9.72 -15.14
C MET A 54 -12.84 -10.98 -14.75
N GLY A 55 -14.09 -10.80 -14.36
CA GLY A 55 -15.00 -11.92 -14.12
C GLY A 55 -15.44 -12.56 -15.40
N ARG A 56 -15.91 -13.81 -15.32
CA ARG A 56 -16.32 -14.56 -16.51
C ARG A 56 -17.39 -13.84 -17.33
N LYS A 57 -18.36 -13.24 -16.65
CA LYS A 57 -19.46 -12.57 -17.33
C LYS A 57 -18.96 -11.39 -18.18
N THR A 58 -18.06 -10.60 -17.61
CA THR A 58 -17.45 -9.48 -18.35
C THR A 58 -16.71 -9.98 -19.60
N TRP A 59 -15.91 -11.03 -19.42
CA TRP A 59 -15.19 -11.64 -20.55
C TRP A 59 -16.15 -12.05 -21.67
N GLU A 60 -17.23 -12.74 -21.30
CA GLU A 60 -18.22 -13.20 -22.27
C GLU A 60 -18.96 -12.05 -22.97
N SER A 61 -19.00 -10.88 -22.32
CA SER A 61 -19.65 -9.69 -22.89
C SER A 61 -18.84 -9.08 -24.04
N ILE A 62 -17.54 -9.29 -24.05
CA ILE A 62 -16.69 -8.84 -25.15
C ILE A 62 -16.95 -9.75 -26.36
N PRO A 63 -17.23 -9.16 -27.54
CA PRO A 63 -17.42 -9.99 -28.74
C PRO A 63 -16.24 -10.94 -28.91
N GLN A 64 -16.53 -12.22 -29.22
CA GLN A 64 -15.49 -13.25 -29.18
C GLN A 64 -14.32 -12.94 -30.13
N LYS A 65 -14.59 -12.19 -31.20
CA LYS A 65 -13.54 -11.82 -32.15
C LYS A 65 -12.62 -10.73 -31.61
N PHE A 66 -13.06 -10.04 -30.57
CA PHE A 66 -12.32 -8.90 -30.03
C PHE A 66 -11.72 -9.18 -28.65
N ARG A 67 -11.76 -10.45 -28.26
CA ARG A 67 -11.02 -10.94 -27.10
C ARG A 67 -10.03 -12.05 -27.55
N PRO A 68 -8.85 -12.12 -26.90
CA PRO A 68 -8.48 -11.30 -25.75
C PRO A 68 -8.17 -9.87 -26.16
N LEU A 69 -8.32 -8.94 -25.22
CA LEU A 69 -7.92 -7.55 -25.47
C LEU A 69 -6.43 -7.53 -25.83
N PRO A 70 -6.10 -7.01 -27.02
CA PRO A 70 -4.72 -7.11 -27.54
C PRO A 70 -3.69 -6.39 -26.68
N ASP A 71 -2.46 -6.90 -26.67
CA ASP A 71 -1.30 -6.22 -26.07
C ASP A 71 -1.27 -6.28 -24.54
N ARG A 72 -2.23 -7.00 -23.96
CA ARG A 72 -2.30 -7.17 -22.50
C ARG A 72 -2.50 -8.63 -22.16
N LEU A 73 -1.99 -9.05 -21.01
CA LEU A 73 -2.31 -10.37 -20.49
C LEU A 73 -3.73 -10.36 -19.95
N ASN A 74 -4.59 -11.21 -20.52
CA ASN A 74 -5.99 -11.30 -20.07
C ASN A 74 -6.15 -12.44 -19.07
N ILE A 75 -6.75 -12.13 -17.93
CA ILE A 75 -6.99 -13.12 -16.88
C ILE A 75 -8.48 -13.15 -16.57
N ILE A 76 -9.08 -14.34 -16.66
CA ILE A 76 -10.52 -14.49 -16.40
C ILE A 76 -10.77 -15.34 -15.16
N LEU A 77 -11.61 -14.82 -14.27
CA LEU A 77 -11.95 -15.50 -13.01
C LEU A 77 -13.33 -16.16 -13.10
N SER A 78 -13.36 -17.45 -12.78
CA SER A 78 -14.60 -18.18 -12.57
C SER A 78 -14.42 -19.06 -11.34
N ARG A 79 -15.51 -19.28 -10.60
CA ARG A 79 -15.48 -20.23 -9.49
C ARG A 79 -15.34 -21.67 -9.97
N SER A 80 -15.56 -21.88 -11.27
CA SER A 80 -15.42 -23.21 -11.88
C SER A 80 -14.05 -23.44 -12.52
N TYR A 81 -13.20 -22.41 -12.55
CA TYR A 81 -11.88 -22.56 -13.21
C TYR A 81 -10.83 -23.04 -12.24
N GLU A 82 -10.17 -24.14 -12.59
CA GLU A 82 -8.88 -24.44 -12.01
C GLU A 82 -7.85 -23.57 -12.73
N ASN A 83 -6.66 -23.44 -12.13
CA ASN A 83 -5.57 -22.69 -12.76
C ASN A 83 -5.19 -23.31 -14.09
N GLU A 84 -5.24 -22.52 -15.15
CA GLU A 84 -4.82 -22.98 -16.47
C GLU A 84 -4.29 -21.82 -17.28
N ILE A 85 -3.08 -21.96 -17.83
CA ILE A 85 -2.60 -21.04 -18.83
C ILE A 85 -3.12 -21.52 -20.19
N ILE A 86 -4.07 -20.78 -20.75
CA ILE A 86 -4.69 -21.16 -22.03
C ILE A 86 -3.70 -20.92 -23.18
N ASP A 87 -3.26 -19.68 -23.32
CA ASP A 87 -2.13 -19.34 -24.18
C ASP A 87 -1.36 -18.17 -23.56
N ASP A 88 -0.47 -17.54 -24.33
CA ASP A 88 0.37 -16.49 -23.77
C ASP A 88 -0.42 -15.23 -23.36
N ASN A 89 -1.64 -15.11 -23.89
CA ASN A 89 -2.47 -13.94 -23.63
C ASN A 89 -3.68 -14.21 -22.73
N ILE A 90 -3.90 -15.47 -22.38
CA ILE A 90 -5.12 -15.84 -21.63
C ILE A 90 -4.80 -16.80 -20.48
N ILE A 91 -5.19 -16.40 -19.26
CA ILE A 91 -5.10 -17.26 -18.08
C ILE A 91 -6.48 -17.44 -17.45
N HIS A 92 -6.77 -18.67 -17.03
CA HIS A 92 -7.94 -18.97 -16.22
C HIS A 92 -7.53 -19.22 -14.77
N ALA A 93 -8.30 -18.68 -13.83
CA ALA A 93 -8.01 -18.85 -12.41
C ALA A 93 -9.26 -18.58 -11.57
N SER A 94 -9.13 -18.71 -10.25
CA SER A 94 -10.24 -18.43 -9.32
C SER A 94 -9.89 -17.36 -8.27
N SER A 95 -8.68 -16.83 -8.34
CA SER A 95 -8.29 -15.66 -7.54
C SER A 95 -7.23 -14.86 -8.29
N ILE A 96 -7.15 -13.56 -7.99
CA ILE A 96 -6.16 -12.70 -8.61
C ILE A 96 -4.72 -13.09 -8.22
N GLU A 97 -4.49 -13.35 -6.95
CA GLU A 97 -3.14 -13.67 -6.46
C GLU A 97 -2.62 -14.97 -7.06
N SER A 98 -3.48 -15.99 -7.09
CA SER A 98 -3.08 -17.26 -7.69
C SER A 98 -2.83 -17.10 -9.18
N SER A 99 -3.67 -16.31 -9.85
CA SER A 99 -3.54 -16.09 -11.30
C SER A 99 -2.20 -15.44 -11.67
N LEU A 100 -1.71 -14.57 -10.78
CA LEU A 100 -0.49 -13.79 -11.03
C LEU A 100 0.76 -14.49 -10.49
N ASN A 101 0.56 -15.48 -9.62
CA ASN A 101 1.65 -16.36 -9.21
C ASN A 101 2.30 -17.02 -10.42
N LEU A 102 1.52 -17.11 -11.50
CA LEU A 102 1.91 -17.79 -12.73
C LEU A 102 2.61 -16.85 -13.72
N VAL A 103 3.00 -15.66 -13.27
CA VAL A 103 3.25 -14.54 -14.19
C VAL A 103 4.54 -13.75 -13.93
N SER A 104 5.28 -13.49 -15.01
CA SER A 104 6.43 -12.58 -14.97
C SER A 104 6.36 -11.55 -16.10
N ASP A 105 7.16 -10.49 -15.99
CA ASP A 105 7.27 -9.45 -17.04
C ASP A 105 5.96 -8.66 -17.23
N VAL A 106 5.15 -8.62 -16.19
CA VAL A 106 3.96 -7.78 -16.15
C VAL A 106 4.22 -6.58 -15.24
N GLU A 107 3.94 -5.39 -15.75
CA GLU A 107 4.19 -4.17 -14.98
C GLU A 107 2.99 -3.82 -14.10
N ARG A 108 1.91 -3.35 -14.72
CA ARG A 108 0.72 -2.98 -13.98
C ARG A 108 -0.37 -4.03 -14.09
N VAL A 109 -1.24 -4.08 -13.08
CA VAL A 109 -2.36 -5.01 -13.05
C VAL A 109 -3.67 -4.23 -12.87
N PHE A 110 -4.60 -4.40 -13.81
CA PHE A 110 -5.89 -3.72 -13.76
C PHE A 110 -7.04 -4.69 -13.61
N ILE A 111 -8.00 -4.34 -12.73
CA ILE A 111 -9.29 -5.02 -12.68
C ILE A 111 -10.26 -4.29 -13.58
N ILE A 112 -10.78 -4.98 -14.59
CA ILE A 112 -11.59 -4.32 -15.61
C ILE A 112 -13.08 -4.70 -15.62
N GLY A 113 -13.51 -5.46 -14.61
CA GLY A 113 -14.96 -5.72 -14.39
C GLY A 113 -15.26 -7.16 -13.98
N GLY A 114 -16.52 -7.46 -13.68
CA GLY A 114 -17.62 -6.47 -13.64
C GLY A 114 -18.00 -6.16 -12.21
N ALA A 115 -19.28 -5.87 -11.98
CA ALA A 115 -19.75 -5.40 -10.68
C ALA A 115 -19.37 -6.33 -9.52
N GLU A 116 -19.61 -7.63 -9.70
CA GLU A 116 -19.34 -8.58 -8.62
C GLU A 116 -17.86 -8.59 -8.25
N ILE A 117 -17.01 -8.62 -9.27
CA ILE A 117 -15.56 -8.61 -9.07
C ILE A 117 -15.11 -7.29 -8.44
N TYR A 118 -15.62 -6.17 -8.95
CA TYR A 118 -15.30 -4.85 -8.38
C TYR A 118 -15.66 -4.79 -6.90
N ASN A 119 -16.87 -5.25 -6.58
CA ASN A 119 -17.41 -5.11 -5.23
C ASN A 119 -16.77 -6.03 -4.20
N GLU A 120 -16.14 -7.10 -4.68
CA GLU A 120 -15.25 -7.92 -3.83
C GLU A 120 -13.91 -7.23 -3.63
N LEU A 121 -13.29 -6.84 -4.73
CA LEU A 121 -11.89 -6.45 -4.73
C LEU A 121 -11.62 -5.06 -4.17
N ILE A 122 -12.66 -4.23 -4.11
CA ILE A 122 -12.56 -2.93 -3.44
C ILE A 122 -12.10 -3.09 -1.97
N ASN A 123 -12.41 -4.24 -1.37
CA ASN A 123 -11.98 -4.55 0.00
C ASN A 123 -10.81 -5.54 0.06
N ASN A 124 -10.08 -5.64 -1.04
CA ASN A 124 -8.83 -6.39 -1.08
C ASN A 124 -7.64 -5.42 -1.00
N SER A 125 -6.78 -5.60 0.00
CA SER A 125 -5.70 -4.65 0.28
C SER A 125 -4.62 -4.56 -0.84
N LEU A 126 -4.66 -5.50 -1.78
CA LEU A 126 -3.79 -5.43 -2.96
C LEU A 126 -4.19 -4.28 -3.88
N VAL A 127 -5.47 -3.91 -3.84
CA VAL A 127 -5.96 -2.80 -4.63
C VAL A 127 -5.56 -1.48 -3.98
N SER A 128 -4.68 -0.73 -4.66
CA SER A 128 -4.12 0.50 -4.13
C SER A 128 -4.62 1.74 -4.87
N HIS A 129 -5.16 1.52 -6.08
CA HIS A 129 -5.63 2.61 -6.94
C HIS A 129 -7.02 2.36 -7.51
N LEU A 130 -7.85 3.40 -7.54
CA LEU A 130 -9.07 3.38 -8.33
C LEU A 130 -8.97 4.39 -9.44
N LEU A 131 -9.13 3.93 -10.67
CA LEU A 131 -9.27 4.83 -11.80
C LEU A 131 -10.73 4.86 -12.18
N ILE A 132 -11.43 5.89 -11.68
CA ILE A 132 -12.88 5.99 -11.88
C ILE A 132 -13.19 7.11 -12.85
N THR A 133 -13.80 6.76 -13.97
CA THR A 133 -14.37 7.76 -14.85
C THR A 133 -15.75 8.10 -14.30
N GLU A 134 -15.86 9.30 -13.72
CA GLU A 134 -17.10 9.78 -13.16
C GLU A 134 -17.96 10.39 -14.24
N ILE A 135 -19.04 9.70 -14.60
CA ILE A 135 -19.98 10.18 -15.61
C ILE A 135 -21.15 10.90 -14.97
N GLU A 136 -21.57 11.99 -15.60
CA GLU A 136 -22.73 12.74 -15.16
C GLU A 136 -23.76 12.87 -16.28
N HIS A 137 -25.03 12.98 -15.89
CA HIS A 137 -26.14 13.10 -16.81
C HIS A 137 -27.15 14.02 -16.14
N PRO A 138 -27.85 14.86 -16.94
CA PRO A 138 -28.86 15.77 -16.35
C PRO A 138 -29.98 15.03 -15.62
N SER A 139 -30.30 13.82 -16.08
CA SER A 139 -31.34 13.01 -15.48
CA SER A 139 -31.33 13.00 -15.47
C SER A 139 -30.89 11.55 -15.37
N PRO A 140 -30.00 11.25 -14.40
CA PRO A 140 -29.42 9.90 -14.29
C PRO A 140 -30.44 8.81 -13.96
N GLU A 141 -31.54 9.20 -13.30
CA GLU A 141 -32.59 8.26 -12.93
C GLU A 141 -33.31 7.66 -14.16
N SER A 142 -33.17 8.34 -15.30
CA SER A 142 -33.84 7.92 -16.55
C SER A 142 -33.02 6.88 -17.32
N ILE A 143 -31.77 6.66 -16.90
CA ILE A 143 -30.93 5.65 -17.52
C ILE A 143 -31.21 4.29 -16.87
N GLU A 144 -31.66 3.33 -17.68
CA GLU A 144 -31.93 1.98 -17.20
C GLU A 144 -30.65 1.36 -16.66
N MET A 145 -30.72 0.91 -15.40
CA MET A 145 -29.54 0.52 -14.66
C MET A 145 -29.89 -0.53 -13.63
N ASP A 146 -29.11 -1.61 -13.60
CA ASP A 146 -29.38 -2.70 -12.64
C ASP A 146 -28.11 -3.25 -11.95
N THR A 147 -26.95 -2.74 -12.35
CA THR A 147 -25.70 -3.11 -11.70
CA THR A 147 -25.68 -3.13 -11.75
C THR A 147 -24.94 -1.89 -11.21
N PHE A 148 -24.53 -1.94 -9.94
CA PHE A 148 -23.97 -0.77 -9.27
C PHE A 148 -22.69 -1.10 -8.52
N LEU A 149 -21.79 -0.13 -8.45
CA LEU A 149 -20.64 -0.21 -7.56
C LEU A 149 -21.08 -0.04 -6.12
N LYS A 150 -20.48 -0.82 -5.24
CA LYS A 150 -20.60 -0.61 -3.81
C LYS A 150 -19.22 -0.31 -3.25
N PHE A 151 -18.82 0.96 -3.38
CA PHE A 151 -17.47 1.41 -3.05
C PHE A 151 -17.54 2.31 -1.83
N PRO A 152 -16.87 1.91 -0.73
CA PRO A 152 -16.82 2.78 0.44
C PRO A 152 -15.76 3.87 0.28
N LEU A 153 -16.09 4.90 -0.49
CA LEU A 153 -15.11 5.91 -0.89
C LEU A 153 -14.69 6.84 0.25
N GLU A 154 -15.39 6.76 1.39
CA GLU A 154 -14.95 7.45 2.63
C GLU A 154 -13.56 7.01 3.06
N SER A 155 -13.17 5.78 2.68
CA SER A 155 -11.88 5.21 3.02
C SER A 155 -10.88 5.42 1.89
N TRP A 156 -11.24 6.29 0.95
CA TRP A 156 -10.36 6.61 -0.17
C TRP A 156 -10.24 8.13 -0.32
N THR A 157 -9.17 8.55 -1.01
CA THR A 157 -8.93 9.96 -1.25
C THR A 157 -8.78 10.20 -2.75
N LYS A 158 -9.65 11.04 -3.31
CA LYS A 158 -9.52 11.48 -4.69
C LYS A 158 -8.28 12.37 -4.83
N GLN A 159 -7.36 11.96 -5.69
CA GLN A 159 -6.09 12.63 -5.86
C GLN A 159 -6.24 13.82 -6.82
N PRO A 160 -5.33 14.81 -6.73
CA PRO A 160 -5.34 15.92 -7.69
C PRO A 160 -5.02 15.43 -9.10
N LYS A 161 -5.36 16.22 -10.11
CA LYS A 161 -5.11 15.82 -11.49
C LYS A 161 -3.63 15.47 -11.76
N SER A 162 -2.71 16.16 -11.07
CA SER A 162 -1.27 15.91 -11.26
C SER A 162 -0.86 14.47 -10.94
N GLU A 163 -1.49 13.88 -9.92
CA GLU A 163 -1.24 12.48 -9.60
C GLU A 163 -1.77 11.53 -10.69
N LEU A 164 -2.93 11.85 -11.25
CA LEU A 164 -3.49 11.06 -12.36
C LEU A 164 -2.61 11.21 -13.60
N GLN A 165 -2.22 12.45 -13.90
CA GLN A 165 -1.34 12.72 -15.04
C GLN A 165 -0.05 11.92 -14.95
N LYS A 166 0.55 11.89 -13.75
CA LYS A 166 1.76 11.08 -13.51
C LYS A 166 1.51 9.60 -13.80
N PHE A 167 0.35 9.12 -13.38
CA PHE A 167 0.01 7.70 -13.51
C PHE A 167 -0.09 7.30 -14.98
N VAL A 168 -0.68 8.17 -15.79
CA VAL A 168 -0.98 7.85 -17.19
C VAL A 168 0.10 8.32 -18.18
N GLY A 169 1.13 8.99 -17.66
CA GLY A 169 2.22 9.48 -18.52
C GLY A 169 1.77 10.62 -19.41
N ASP A 170 2.04 10.50 -20.70
CA ASP A 170 1.71 11.57 -21.65
C ASP A 170 0.31 11.43 -22.27
N THR A 171 -0.48 10.49 -21.75
CA THR A 171 -1.87 10.37 -22.13
C THR A 171 -2.62 11.70 -21.87
N VAL A 172 -3.30 12.19 -22.90
CA VAL A 172 -3.98 13.47 -22.82
C VAL A 172 -5.26 13.34 -22.01
N LEU A 173 -5.39 14.18 -20.98
CA LEU A 173 -6.58 14.17 -20.11
C LEU A 173 -7.42 15.42 -20.32
N GLU A 174 -8.52 15.26 -21.04
CA GLU A 174 -9.45 16.36 -21.29
C GLU A 174 -10.52 16.43 -20.20
N ASP A 175 -10.92 17.64 -19.84
CA ASP A 175 -11.90 17.84 -18.76
C ASP A 175 -13.31 17.96 -19.31
N ASP A 176 -14.27 17.46 -18.53
CA ASP A 176 -15.70 17.63 -18.85
C ASP A 176 -16.02 17.20 -20.28
N ILE A 177 -15.55 16.01 -20.64
CA ILE A 177 -15.78 15.45 -21.96
C ILE A 177 -17.26 15.14 -22.17
N LYS A 178 -17.82 15.63 -23.27
CA LYS A 178 -19.25 15.48 -23.55
C LYS A 178 -19.53 14.60 -24.76
N GLU A 179 -20.29 13.53 -24.54
CA GLU A 179 -20.78 12.68 -25.62
C GLU A 179 -22.27 12.43 -25.46
N GLY A 180 -23.06 12.90 -26.42
CA GLY A 180 -24.51 12.95 -26.27
C GLY A 180 -24.86 13.75 -25.03
N ASP A 181 -25.67 13.17 -24.15
CA ASP A 181 -26.10 13.85 -22.93
C ASP A 181 -25.21 13.56 -21.73
N PHE A 182 -24.14 12.78 -21.95
CA PHE A 182 -23.20 12.41 -20.88
C PHE A 182 -22.00 13.36 -20.82
N THR A 183 -21.63 13.74 -19.59
CA THR A 183 -20.40 14.49 -19.34
C THR A 183 -19.53 13.72 -18.32
N TYR A 184 -18.24 13.61 -18.61
CA TYR A 184 -17.37 12.78 -17.76
C TYR A 184 -15.94 13.29 -17.51
N ASN A 185 -15.37 12.83 -16.41
CA ASN A 185 -14.00 13.18 -16.02
C ASN A 185 -13.26 11.96 -15.51
N TYR A 186 -11.97 11.89 -15.84
CA TYR A 186 -11.10 10.84 -15.34
C TYR A 186 -10.60 11.20 -13.95
N THR A 187 -10.66 10.23 -13.03
CA THR A 187 -10.21 10.47 -11.65
C THR A 187 -9.32 9.35 -11.15
N LEU A 188 -8.53 9.67 -10.13
CA LEU A 188 -7.68 8.69 -9.47
C LEU A 188 -7.85 8.77 -7.97
N TRP A 189 -8.04 7.60 -7.35
CA TRP A 189 -8.22 7.51 -5.90
C TRP A 189 -7.18 6.57 -5.30
N THR A 190 -6.71 6.90 -4.09
CA THR A 190 -5.83 5.99 -3.34
C THR A 190 -6.38 5.81 -1.93
N ARG A 191 -5.88 4.81 -1.22
CA ARG A 191 -6.42 4.48 0.10
C ARG A 191 -6.10 5.57 1.12
N LYS A 192 -7.12 5.98 1.85
CA LYS A 192 -7.02 7.08 2.80
C LYS A 192 -6.24 6.65 4.02
N MET B 1 -12.66 -4.62 6.13
CA MET B 1 -11.36 -5.13 5.61
C MET B 1 -10.36 -5.29 6.74
N LEU B 2 -9.82 -6.50 6.89
CA LEU B 2 -8.82 -6.77 7.94
C LEU B 2 -7.53 -6.01 7.69
N LYS B 3 -7.03 -5.37 8.74
CA LYS B 3 -5.86 -4.47 8.63
C LYS B 3 -4.75 -4.95 9.57
N PRO B 4 -3.48 -4.73 9.19
CA PRO B 4 -2.39 -4.99 10.13
C PRO B 4 -2.35 -3.99 11.27
N ASN B 5 -1.71 -4.37 12.37
CA ASN B 5 -1.47 -3.45 13.47
C ASN B 5 -0.03 -2.94 13.42
N VAL B 6 0.10 -1.68 13.02
CA VAL B 6 1.39 -1.12 12.61
C VAL B 6 1.80 0.01 13.54
N ALA B 7 3.05 -0.02 13.97
CA ALA B 7 3.62 1.03 14.80
C ALA B 7 4.99 1.44 14.29
N ILE B 8 5.26 2.74 14.30
CA ILE B 8 6.62 3.23 14.09
C ILE B 8 7.39 3.13 15.40
N ILE B 9 8.62 2.62 15.35
CA ILE B 9 9.49 2.63 16.51
C ILE B 9 10.84 3.27 16.18
N VAL B 10 11.27 4.21 17.04
CA VAL B 10 12.43 5.06 16.75
C VAL B 10 12.99 5.63 18.05
N ALA B 11 14.29 5.90 18.06
CA ALA B 11 14.93 6.63 19.16
C ALA B 11 15.47 7.94 18.61
N ALA B 12 15.13 9.05 19.26
CA ALA B 12 15.43 10.37 18.72
C ALA B 12 15.94 11.32 19.80
N LEU B 13 16.92 12.14 19.43
CA LEU B 13 17.51 13.11 20.35
C LEU B 13 16.75 14.44 20.32
N LYS B 14 16.25 14.86 21.48
CA LYS B 14 15.60 16.17 21.62
C LYS B 14 16.67 17.28 21.68
N PRO B 15 16.31 18.50 21.25
CA PRO B 15 15.00 18.91 20.73
C PRO B 15 14.77 18.69 19.21
N ALA B 16 15.85 18.49 18.45
CA ALA B 16 15.76 18.46 16.97
C ALA B 16 15.21 17.14 16.41
N LEU B 17 15.13 16.13 17.26
CA LEU B 17 14.71 14.77 16.85
C LEU B 17 15.64 14.18 15.80
N GLY B 18 16.94 14.35 16.01
CA GLY B 18 17.95 13.68 15.21
C GLY B 18 17.94 12.20 15.47
N ILE B 19 18.18 11.41 14.41
CA ILE B 19 18.14 9.95 14.51
C ILE B 19 19.36 9.25 13.89
N GLY B 20 20.16 9.98 13.12
CA GLY B 20 21.25 9.35 12.38
C GLY B 20 22.37 10.27 11.95
N TYR B 21 23.54 9.68 11.74
CA TYR B 21 24.69 10.37 11.18
C TYR B 21 25.50 9.42 10.30
N LYS B 22 25.67 9.80 9.04
CA LYS B 22 26.42 9.00 8.05
C LYS B 22 26.03 7.52 8.02
N GLY B 23 24.72 7.27 7.91
CA GLY B 23 24.20 5.91 7.74
C GLY B 23 24.21 5.06 9.00
N LYS B 24 24.61 5.65 10.12
CA LYS B 24 24.63 4.95 11.42
C LYS B 24 23.87 5.74 12.47
N MET B 25 23.52 5.09 13.57
CA MET B 25 22.90 5.78 14.70
CA MET B 25 22.90 5.76 14.72
C MET B 25 23.97 6.51 15.52
N PRO B 26 23.62 7.71 16.05
CA PRO B 26 24.63 8.56 16.73
C PRO B 26 24.97 8.14 18.16
N TRP B 27 24.45 7.00 18.60
CA TRP B 27 24.66 6.50 19.97
C TRP B 27 24.55 5.00 20.03
N ARG B 28 25.10 4.42 21.09
CA ARG B 28 24.91 3.01 21.41
C ARG B 28 24.40 2.92 22.83
N LEU B 29 23.10 2.70 22.98
CA LEU B 29 22.45 2.70 24.29
C LEU B 29 21.98 1.31 24.66
N ARG B 30 22.61 0.74 25.67
CA ARG B 30 22.45 -0.68 26.02
C ARG B 30 21.01 -1.07 26.31
N LYS B 31 20.37 -0.36 27.24
CA LYS B 31 19.01 -0.70 27.65
C LYS B 31 18.01 -0.40 26.53
N GLU B 32 18.24 0.70 25.82
CA GLU B 32 17.40 1.08 24.67
C GLU B 32 17.38 -0.02 23.61
N ILE B 33 18.56 -0.53 23.27
CA ILE B 33 18.68 -1.61 22.30
C ILE B 33 17.90 -2.85 22.75
N ARG B 34 18.00 -3.18 24.04
CA ARG B 34 17.26 -4.31 24.60
C ARG B 34 15.74 -4.05 24.55
N TYR B 35 15.36 -2.80 24.83
CA TYR B 35 13.95 -2.40 24.73
C TYR B 35 13.44 -2.62 23.31
N PHE B 36 14.21 -2.16 22.33
CA PHE B 36 13.86 -2.38 20.94
C PHE B 36 13.70 -3.86 20.63
N LYS B 37 14.67 -4.67 21.05
CA LYS B 37 14.64 -6.11 20.80
C LYS B 37 13.40 -6.75 21.42
N ASP B 38 13.15 -6.44 22.69
CA ASP B 38 12.03 -7.05 23.42
C ASP B 38 10.66 -6.65 22.86
N VAL B 39 10.48 -5.36 22.59
CA VAL B 39 9.20 -4.84 22.11
C VAL B 39 8.88 -5.33 20.69
N THR B 40 9.89 -5.32 19.80
CA THR B 40 9.67 -5.79 18.43
C THR B 40 9.54 -7.31 18.31
N THR B 41 10.12 -8.04 19.28
CA THR B 41 10.08 -9.51 19.28
C THR B 41 8.84 -10.09 19.96
N ARG B 42 8.47 -9.51 21.12
CA ARG B 42 7.45 -10.14 21.97
C ARG B 42 6.05 -10.19 21.32
N THR B 43 5.36 -11.29 21.57
CA THR B 43 4.00 -11.50 21.09
C THR B 43 3.12 -11.96 22.26
N THR B 44 1.81 -12.03 22.03
CA THR B 44 0.87 -12.41 23.09
C THR B 44 0.90 -13.92 23.35
N LYS B 45 1.28 -14.69 22.34
CA LYS B 45 1.32 -16.15 22.41
C LYS B 45 2.66 -16.68 21.89
N PRO B 46 3.16 -17.79 22.45
CA PRO B 46 4.37 -18.43 21.93
C PRO B 46 4.17 -18.95 20.51
N ASN B 47 5.28 -19.11 19.78
CA ASN B 47 5.24 -19.59 18.39
C ASN B 47 4.39 -18.71 17.46
N THR B 48 4.33 -17.42 17.79
CA THR B 48 3.91 -16.39 16.83
C THR B 48 5.03 -15.34 16.75
N ARG B 49 4.99 -14.50 15.73
CA ARG B 49 6.01 -13.48 15.57
C ARG B 49 5.46 -12.19 14.97
N ASN B 50 6.26 -11.12 15.10
CA ASN B 50 5.98 -9.84 14.47
C ASN B 50 6.84 -9.66 13.22
N ALA B 51 6.46 -8.68 12.40
CA ALA B 51 7.33 -8.23 11.30
C ALA B 51 8.04 -6.93 11.63
N VAL B 52 9.23 -6.76 11.07
CA VAL B 52 9.88 -5.46 11.04
C VAL B 52 10.10 -5.06 9.58
N ILE B 53 9.72 -3.84 9.26
CA ILE B 53 9.88 -3.29 7.92
C ILE B 53 10.91 -2.16 7.96
N MET B 54 11.85 -2.18 7.02
CA MET B 54 12.93 -1.19 7.01
CA MET B 54 12.93 -1.19 7.01
C MET B 54 13.40 -0.87 5.60
N GLY B 55 14.02 0.30 5.45
CA GLY B 55 14.61 0.69 4.17
C GLY B 55 15.92 -0.03 3.94
N ARG B 56 16.36 -0.09 2.68
CA ARG B 56 17.59 -0.81 2.34
C ARG B 56 18.80 -0.28 3.13
N LYS B 57 18.88 1.03 3.29
CA LYS B 57 20.05 1.64 3.92
C LYS B 57 20.15 1.25 5.39
N THR B 58 19.00 1.18 6.06
CA THR B 58 18.96 0.72 7.45
C THR B 58 19.35 -0.74 7.56
N TRP B 59 18.84 -1.57 6.64
CA TRP B 59 19.22 -2.98 6.58
C TRP B 59 20.73 -3.17 6.46
N GLU B 60 21.35 -2.42 5.54
CA GLU B 60 22.79 -2.54 5.29
C GLU B 60 23.62 -2.03 6.47
N SER B 61 23.03 -1.13 7.27
CA SER B 61 23.69 -0.59 8.47
C SER B 61 23.88 -1.64 9.56
N ILE B 62 23.07 -2.70 9.52
CA ILE B 62 23.22 -3.82 10.44
C ILE B 62 24.34 -4.71 9.93
N PRO B 63 25.37 -4.96 10.78
CA PRO B 63 26.43 -5.90 10.40
C PRO B 63 25.83 -7.23 9.91
N GLN B 64 26.39 -7.77 8.83
CA GLN B 64 25.75 -8.90 8.13
C GLN B 64 25.56 -10.15 9.00
N LYS B 65 26.42 -10.32 10.01
CA LYS B 65 26.29 -11.46 10.92
C LYS B 65 25.15 -11.27 11.93
N PHE B 66 24.64 -10.04 12.03
CA PHE B 66 23.58 -9.72 12.99
C PHE B 66 22.23 -9.53 12.31
N ARG B 67 22.18 -9.75 11.01
CA ARG B 67 20.92 -9.79 10.29
C ARG B 67 20.69 -11.17 9.67
N PRO B 68 19.42 -11.58 9.53
CA PRO B 68 18.22 -10.79 9.86
C PRO B 68 18.07 -10.69 11.37
N LEU B 69 17.38 -9.67 11.84
CA LEU B 69 17.08 -9.55 13.27
C LEU B 69 16.26 -10.77 13.71
N PRO B 70 16.80 -11.55 14.67
CA PRO B 70 16.24 -12.87 14.97
C PRO B 70 14.82 -12.81 15.54
N ASP B 71 14.03 -13.85 15.26
CA ASP B 71 12.71 -14.06 15.88
C ASP B 71 11.63 -13.14 15.34
N ARG B 72 11.99 -12.36 14.31
CA ARG B 72 11.03 -11.49 13.61
C ARG B 72 11.15 -11.70 12.11
N LEU B 73 10.05 -11.47 11.40
CA LEU B 73 10.07 -11.43 9.95
C LEU B 73 10.65 -10.09 9.50
N ASN B 74 11.76 -10.14 8.76
CA ASN B 74 12.43 -8.93 8.26
C ASN B 74 12.02 -8.64 6.84
N ILE B 75 11.46 -7.45 6.62
CA ILE B 75 11.07 -7.00 5.28
C ILE B 75 11.89 -5.77 4.90
N ILE B 76 12.54 -5.83 3.73
CA ILE B 76 13.45 -4.76 3.29
C ILE B 76 12.95 -4.10 2.02
N LEU B 77 12.90 -2.77 2.04
CA LEU B 77 12.39 -1.99 0.92
C LEU B 77 13.51 -1.44 0.05
N SER B 78 13.36 -1.65 -1.26
CA SER B 78 14.18 -0.97 -2.25
C SER B 78 13.37 -0.77 -3.51
N ARG B 79 13.57 0.38 -4.17
CA ARG B 79 12.87 0.65 -5.41
C ARG B 79 13.40 -0.18 -6.58
N SER B 80 14.52 -0.88 -6.34
CA SER B 80 15.10 -1.76 -7.35
C SER B 80 14.86 -3.25 -7.06
N TYR B 81 14.10 -3.54 -6.01
CA TYR B 81 13.71 -4.92 -5.72
C TYR B 81 12.46 -5.33 -6.48
N GLU B 82 12.27 -6.63 -6.63
CA GLU B 82 10.95 -7.20 -6.89
C GLU B 82 10.47 -7.85 -5.59
N ASN B 83 9.16 -7.88 -5.39
CA ASN B 83 8.61 -8.62 -4.25
C ASN B 83 9.07 -10.07 -4.26
N GLU B 84 9.77 -10.48 -3.20
CA GLU B 84 10.42 -11.78 -3.18
C GLU B 84 10.56 -12.30 -1.76
N ILE B 85 10.13 -13.54 -1.54
CA ILE B 85 10.41 -14.22 -0.28
C ILE B 85 11.78 -14.88 -0.39
N ILE B 86 12.78 -14.29 0.27
CA ILE B 86 14.13 -14.85 0.24
C ILE B 86 14.21 -16.13 1.07
N ASP B 87 13.83 -16.03 2.34
CA ASP B 87 13.61 -17.21 3.17
C ASP B 87 12.52 -16.92 4.21
N ASP B 88 12.37 -17.79 5.21
CA ASP B 88 11.29 -17.62 6.19
C ASP B 88 11.46 -16.36 7.02
N ASN B 89 12.65 -15.78 7.00
CA ASN B 89 12.98 -14.63 7.84
C ASN B 89 13.18 -13.34 7.09
N ILE B 90 13.31 -13.42 5.77
CA ILE B 90 13.70 -12.27 4.94
C ILE B 90 12.83 -12.14 3.69
N ILE B 91 12.23 -10.96 3.53
CA ILE B 91 11.44 -10.65 2.35
C ILE B 91 11.92 -9.35 1.74
N HIS B 92 11.99 -9.30 0.42
CA HIS B 92 12.23 -8.07 -0.33
C HIS B 92 10.92 -7.48 -0.80
N ALA B 93 10.75 -6.18 -0.61
CA ALA B 93 9.54 -5.46 -1.06
C ALA B 93 9.90 -4.30 -1.98
N SER B 94 9.11 -4.11 -3.03
CA SER B 94 9.38 -3.09 -4.06
C SER B 94 8.63 -1.77 -3.79
N SER B 95 7.72 -1.79 -2.82
CA SER B 95 6.92 -0.60 -2.48
C SER B 95 6.37 -0.69 -1.07
N ILE B 96 6.02 0.47 -0.50
CA ILE B 96 5.42 0.50 0.83
CA ILE B 96 5.40 0.53 0.84
C ILE B 96 4.11 -0.28 0.87
N GLU B 97 3.29 -0.12 -0.17
CA GLU B 97 2.02 -0.85 -0.26
C GLU B 97 2.26 -2.35 -0.24
N SER B 98 3.26 -2.80 -0.97
CA SER B 98 3.59 -4.23 -1.00
C SER B 98 4.10 -4.73 0.34
N SER B 99 4.97 -3.96 1.00
CA SER B 99 5.50 -4.36 2.30
C SER B 99 4.37 -4.59 3.31
N LEU B 100 3.34 -3.75 3.26
CA LEU B 100 2.21 -3.86 4.18
C LEU B 100 1.19 -4.92 3.71
N ASN B 101 1.49 -5.53 2.57
CA ASN B 101 0.75 -6.72 2.09
C ASN B 101 1.57 -8.01 2.22
N LEU B 102 2.70 -7.91 2.90
CA LEU B 102 3.59 -9.05 3.09
C LEU B 102 3.63 -9.46 4.57
N VAL B 103 2.59 -9.06 5.30
CA VAL B 103 2.55 -9.22 6.76
C VAL B 103 1.34 -10.04 7.25
N SER B 104 0.78 -10.87 6.37
CA SER B 104 -0.38 -11.69 6.74
C SER B 104 -0.10 -12.75 7.82
N ASP B 105 1.17 -13.17 7.95
CA ASP B 105 1.55 -14.26 8.88
C ASP B 105 2.06 -13.76 10.25
N VAL B 106 1.88 -12.48 10.54
CA VAL B 106 2.46 -11.92 11.76
C VAL B 106 1.42 -11.23 12.64
N GLU B 107 1.77 -11.00 13.91
CA GLU B 107 0.87 -10.33 14.83
C GLU B 107 0.92 -8.81 14.68
N ARG B 108 2.06 -8.21 15.01
CA ARG B 108 2.25 -6.77 14.86
C ARG B 108 3.28 -6.47 13.79
N VAL B 109 3.23 -5.26 13.27
CA VAL B 109 4.21 -4.79 12.30
C VAL B 109 4.88 -3.53 12.83
N PHE B 110 6.21 -3.55 12.88
CA PHE B 110 6.98 -2.40 13.34
C PHE B 110 7.78 -1.79 12.19
N ILE B 111 7.59 -0.49 11.96
CA ILE B 111 8.41 0.26 11.04
C ILE B 111 9.68 0.72 11.78
N ILE B 112 10.83 0.18 11.39
CA ILE B 112 12.05 0.36 12.20
C ILE B 112 13.14 1.26 11.58
N GLY B 113 12.79 1.98 10.51
CA GLY B 113 13.71 2.97 9.93
C GLY B 113 13.95 2.77 8.45
N GLY B 114 14.68 3.69 7.82
CA GLY B 114 15.23 4.86 8.49
C GLY B 114 14.44 6.11 8.15
N ALA B 115 15.13 7.25 8.04
CA ALA B 115 14.47 8.55 7.89
C ALA B 115 13.48 8.62 6.73
N GLU B 116 13.88 8.15 5.55
CA GLU B 116 12.98 8.22 4.39
C GLU B 116 11.72 7.41 4.64
N ILE B 117 11.90 6.19 5.14
CA ILE B 117 10.79 5.28 5.43
C ILE B 117 9.85 5.87 6.49
N TYR B 118 10.41 6.36 7.59
CA TYR B 118 9.62 7.05 8.62
C TYR B 118 8.79 8.17 8.02
N ASN B 119 9.41 8.98 7.19
CA ASN B 119 8.75 10.15 6.65
C ASN B 119 7.70 9.80 5.60
N GLU B 120 7.81 8.61 5.02
CA GLU B 120 6.82 8.10 4.08
C GLU B 120 5.66 7.39 4.78
N LEU B 121 5.90 6.87 5.98
CA LEU B 121 4.91 6.07 6.69
CA LEU B 121 4.89 6.09 6.67
C LEU B 121 4.14 6.85 7.75
N ILE B 122 4.70 7.97 8.19
CA ILE B 122 4.08 8.79 9.24
C ILE B 122 2.60 9.15 8.95
N ASN B 123 2.28 9.40 7.68
CA ASN B 123 0.92 9.80 7.31
C ASN B 123 0.05 8.64 6.81
N ASN B 124 0.63 7.44 6.76
CA ASN B 124 -0.12 6.23 6.40
C ASN B 124 -1.10 5.87 7.52
N SER B 125 -2.38 5.77 7.18
CA SER B 125 -3.43 5.53 8.20
C SER B 125 -3.27 4.21 8.95
N LEU B 126 -2.53 3.27 8.36
CA LEU B 126 -2.30 1.97 9.03
C LEU B 126 -1.39 2.11 10.23
N VAL B 127 -0.52 3.13 10.21
CA VAL B 127 0.32 3.45 11.36
C VAL B 127 -0.53 4.13 12.45
N SER B 128 -0.70 3.45 13.58
CA SER B 128 -1.58 3.95 14.65
C SER B 128 -0.84 4.27 15.94
N HIS B 129 0.46 3.95 15.97
CA HIS B 129 1.31 4.26 17.12
C HIS B 129 2.65 4.83 16.68
N LEU B 130 3.14 5.81 17.44
CA LEU B 130 4.56 6.13 17.44
C LEU B 130 5.16 5.70 18.76
N LEU B 131 6.13 4.80 18.70
CA LEU B 131 6.89 4.41 19.87
C LEU B 131 8.23 5.14 19.81
N ILE B 132 8.31 6.27 20.50
CA ILE B 132 9.47 7.16 20.41
C ILE B 132 10.25 7.14 21.71
N THR B 133 11.50 6.71 21.63
CA THR B 133 12.41 6.87 22.76
C THR B 133 12.94 8.29 22.73
N GLU B 134 12.47 9.11 23.67
CA GLU B 134 12.91 10.50 23.77
C GLU B 134 14.20 10.61 24.55
N ILE B 135 15.27 10.98 23.85
CA ILE B 135 16.59 11.11 24.45
C ILE B 135 16.95 12.58 24.68
N GLU B 136 17.53 12.86 25.85
CA GLU B 136 18.02 14.18 26.19
C GLU B 136 19.53 14.13 26.47
N HIS B 137 20.20 15.28 26.34
CA HIS B 137 21.65 15.38 26.46
C HIS B 137 21.93 16.80 26.95
N PRO B 138 22.93 16.98 27.84
CA PRO B 138 23.24 18.34 28.31
C PRO B 138 23.74 19.25 27.20
N SER B 139 24.33 18.66 26.16
CA SER B 139 24.83 19.42 25.01
C SER B 139 24.55 18.67 23.70
N PRO B 140 23.26 18.65 23.27
CA PRO B 140 22.88 17.87 22.09
C PRO B 140 23.61 18.29 20.80
N GLU B 141 24.06 19.53 20.74
CA GLU B 141 24.81 20.03 19.57
C GLU B 141 26.19 19.39 19.40
N SER B 142 26.71 18.77 20.47
CA SER B 142 27.97 18.04 20.40
C SER B 142 27.80 16.65 19.75
N ILE B 143 26.55 16.26 19.48
CA ILE B 143 26.27 15.02 18.78
C ILE B 143 26.07 15.30 17.29
N GLU B 144 27.04 14.85 16.48
CA GLU B 144 26.95 15.06 15.04
C GLU B 144 25.73 14.36 14.47
N MET B 145 24.98 15.08 13.65
CA MET B 145 23.66 14.64 13.19
C MET B 145 23.42 15.12 11.77
N ASP B 146 22.95 14.23 10.91
CA ASP B 146 22.59 14.60 9.52
C ASP B 146 21.21 14.08 9.10
N THR B 147 20.54 13.38 10.01
CA THR B 147 19.26 12.73 9.71
C THR B 147 18.26 12.97 10.84
N PHE B 148 17.08 13.46 10.48
CA PHE B 148 16.09 13.94 11.46
C PHE B 148 14.69 13.42 11.18
N LEU B 149 13.86 13.37 12.22
CA LEU B 149 12.44 13.07 12.06
C LEU B 149 11.67 14.30 11.64
N LYS B 150 10.83 14.14 10.61
CA LYS B 150 9.89 15.18 10.20
C LYS B 150 8.46 14.71 10.50
N PHE B 151 8.13 14.60 11.79
CA PHE B 151 6.79 14.19 12.22
C PHE B 151 5.96 15.41 12.65
N PRO B 152 4.69 15.45 12.23
CA PRO B 152 3.76 16.50 12.69
C PRO B 152 3.18 16.14 14.05
N LEU B 153 4.02 16.22 15.09
CA LEU B 153 3.64 15.78 16.43
CA LEU B 153 3.63 15.76 16.42
C LEU B 153 2.46 16.54 17.02
N GLU B 154 2.16 17.71 16.44
CA GLU B 154 0.97 18.47 16.82
C GLU B 154 -0.32 17.70 16.47
N SER B 155 -0.19 16.72 15.57
CA SER B 155 -1.31 15.87 15.16
C SER B 155 -1.30 14.51 15.87
N TRP B 156 -0.44 14.38 16.86
CA TRP B 156 -0.34 13.17 17.67
C TRP B 156 -0.46 13.50 19.15
N THR B 157 -0.80 12.51 19.96
CA THR B 157 -0.95 12.70 21.40
C THR B 157 -0.05 11.72 22.14
N LYS B 158 0.87 12.25 22.96
CA LYS B 158 1.66 11.42 23.85
C LYS B 158 0.81 10.91 24.99
N GLN B 159 0.68 9.58 25.07
CA GLN B 159 -0.17 8.93 26.07
C GLN B 159 0.56 8.75 27.40
N PRO B 160 -0.19 8.55 28.50
CA PRO B 160 0.41 8.26 29.82
C PRO B 160 1.21 6.98 29.77
N LYS B 161 2.18 6.86 30.67
CA LYS B 161 3.00 5.66 30.74
C LYS B 161 2.16 4.37 30.77
N SER B 162 0.99 4.44 31.40
CA SER B 162 0.13 3.26 31.57
C SER B 162 -0.31 2.66 30.23
N GLU B 163 -0.52 3.52 29.23
CA GLU B 163 -0.87 3.07 27.88
C GLU B 163 0.32 2.37 27.20
N LEU B 164 1.53 2.87 27.44
CA LEU B 164 2.73 2.20 26.94
C LEU B 164 2.90 0.84 27.61
N GLN B 165 2.72 0.81 28.93
CA GLN B 165 2.84 -0.44 29.68
C GLN B 165 1.87 -1.50 29.15
N LYS B 166 0.65 -1.07 28.82
CA LYS B 166 -0.35 -1.95 28.19
C LYS B 166 0.19 -2.53 26.88
N PHE B 167 0.73 -1.66 26.04
CA PHE B 167 1.25 -2.06 24.73
C PHE B 167 2.37 -3.11 24.86
N VAL B 168 3.28 -2.87 25.80
CA VAL B 168 4.50 -3.70 25.90
C VAL B 168 4.35 -4.90 26.85
N GLY B 169 3.15 -5.12 27.36
CA GLY B 169 2.88 -6.27 28.24
C GLY B 169 3.74 -6.22 29.49
N ASP B 170 4.55 -7.25 29.71
CA ASP B 170 5.35 -7.36 30.94
C ASP B 170 6.75 -6.73 30.83
N THR B 171 7.03 -6.08 29.70
CA THR B 171 8.30 -5.38 29.51
C THR B 171 8.50 -4.32 30.60
N VAL B 172 9.66 -4.36 31.25
CA VAL B 172 9.99 -3.42 32.32
C VAL B 172 10.35 -2.07 31.73
N LEU B 173 9.66 -1.03 32.20
CA LEU B 173 9.86 0.34 31.72
C LEU B 173 10.41 1.22 32.83
N GLU B 174 11.72 1.41 32.81
CA GLU B 174 12.38 2.28 33.78
C GLU B 174 12.35 3.74 33.33
N ASP B 175 12.12 4.66 34.27
CA ASP B 175 12.13 6.10 33.98
C ASP B 175 13.55 6.64 33.89
N ASP B 176 13.75 7.59 32.97
CA ASP B 176 14.94 8.45 32.99
C ASP B 176 16.23 7.64 33.08
N ILE B 177 16.37 6.68 32.17
CA ILE B 177 17.54 5.82 32.10
C ILE B 177 18.75 6.62 31.63
N LYS B 178 19.89 6.45 32.32
CA LYS B 178 21.13 7.16 31.94
C LYS B 178 22.18 6.22 31.38
N GLU B 179 22.81 6.65 30.29
CA GLU B 179 24.07 6.06 29.85
C GLU B 179 24.96 7.16 29.30
N GLY B 180 26.15 7.33 29.88
CA GLY B 180 26.99 8.49 29.60
C GLY B 180 26.22 9.79 29.81
N ASP B 181 26.21 10.63 28.79
CA ASP B 181 25.51 11.92 28.85
C ASP B 181 24.03 11.85 28.42
N PHE B 182 23.60 10.67 27.97
CA PHE B 182 22.23 10.50 27.51
C PHE B 182 21.29 10.12 28.66
N THR B 183 20.13 10.76 28.71
CA THR B 183 19.05 10.36 29.62
C THR B 183 17.78 10.19 28.80
N TYR B 184 17.12 9.05 28.93
CA TYR B 184 16.03 8.75 28.02
C TYR B 184 14.80 8.08 28.61
N ASN B 185 13.69 8.24 27.90
CA ASN B 185 12.40 7.69 28.30
C ASN B 185 11.67 7.09 27.12
N TYR B 186 11.01 5.97 27.36
CA TYR B 186 10.17 5.34 26.34
C TYR B 186 8.80 5.99 26.34
N THR B 187 8.29 6.32 25.14
CA THR B 187 6.99 6.99 25.00
C THR B 187 6.11 6.34 23.95
N LEU B 188 4.79 6.54 24.11
CA LEU B 188 3.80 6.07 23.14
CA LEU B 188 3.80 6.07 23.14
C LEU B 188 2.88 7.21 22.71
N TRP B 189 2.64 7.31 21.40
CA TRP B 189 1.85 8.38 20.80
C TRP B 189 0.77 7.77 19.93
N THR B 190 -0.42 8.38 19.97
CA THR B 190 -1.52 7.98 19.09
C THR B 190 -2.02 9.19 18.30
N ARG B 191 -2.74 8.94 17.22
CA ARG B 191 -3.24 10.01 16.35
C ARG B 191 -4.37 10.79 16.99
N LYS B 192 -4.32 12.12 16.85
CA LYS B 192 -5.44 12.98 17.25
C LYS B 192 -6.64 12.77 16.34
#